data_3QD2
#
_entry.id   3QD2
#
_cell.length_a   97.891
_cell.length_b   97.891
_cell.length_c   116.706
_cell.angle_alpha   90.000
_cell.angle_beta   90.000
_cell.angle_gamma   90.000
#
_symmetry.space_group_name_H-M   'P 41 21 2'
#
loop_
_entity.id
_entity.type
_entity.pdbx_description
1 polymer 'Eukaryotic translation initiation factor 2-alpha kinase 3'
2 water water
#
_entity_poly.entity_id   1
_entity_poly.type   'polypeptide(L)'
_entity_poly.pdbx_seq_one_letter_code
;ASRYLTDFEPIQCMGRGGFGVVFEAKNKVDDCNYAIKRIRLPNRELAREKVMREVKALAKLEHPGIVRYFNAWLETPPEK
WQEEMDEIWLKDESTDWPLSSPSPMDAPSVKIRRMDPFSTKNTVGQLQPSSPKVYLYIQMQLCRKENLKDWMNRRCSLED
REHGVCLHIFIQIAEAVEFLHSKGLMHRDLKPSNIFFTMDDVVKVGDFGLVTAMDQDEEEQTVLTPMPAYATH(TPO)GQ
VGTKLYMSPEQIHGNNYSHKVDIFSLGLILFELLYSFSTQMERVRIITDVRNLKFPLLFTQKYPQEHMMVQDMLSPSPTE
RPEATDIIENAIFENL
;
_entity_poly.pdbx_strand_id   B
#
# COMPACT_ATOMS: atom_id res chain seq x y z
N ALA A 1 -4.04 -32.16 9.76
CA ALA A 1 -3.62 -31.18 10.80
C ALA A 1 -3.27 -29.82 10.17
N SER A 2 -3.82 -28.75 10.74
CA SER A 2 -3.61 -27.38 10.23
C SER A 2 -2.18 -26.90 10.44
N ARG A 3 -1.52 -26.56 9.33
CA ARG A 3 -0.13 -26.12 9.34
C ARG A 3 0.08 -24.83 10.12
N TYR A 4 -0.86 -23.89 9.96
CA TYR A 4 -0.82 -22.62 10.68
C TYR A 4 -0.62 -22.81 12.18
N LEU A 5 -1.46 -23.65 12.77
CA LEU A 5 -1.41 -23.93 14.21
C LEU A 5 -0.28 -24.90 14.55
N THR A 6 0.10 -25.71 13.57
CA THR A 6 1.15 -26.69 13.77
C THR A 6 2.51 -25.99 13.93
N ASP A 7 2.67 -24.84 13.25
CA ASP A 7 3.95 -24.13 13.22
C ASP A 7 3.94 -22.81 13.96
N PHE A 8 2.74 -22.29 14.25
CA PHE A 8 2.62 -20.98 14.87
C PHE A 8 1.74 -21.01 16.12
N GLU A 9 2.05 -20.13 17.07
CA GLU A 9 1.11 -19.78 18.14
C GLU A 9 0.57 -18.36 17.90
N PRO A 10 -0.68 -18.25 17.45
CA PRO A 10 -1.34 -16.96 17.30
C PRO A 10 -1.17 -16.11 18.56
N ILE A 11 -0.73 -14.87 18.38
CA ILE A 11 -0.47 -13.98 19.51
C ILE A 11 -1.56 -12.92 19.67
N GLN A 12 -2.04 -12.38 18.54
CA GLN A 12 -3.23 -11.51 18.53
C GLN A 12 -3.67 -11.19 17.11
N CYS A 13 -4.97 -11.02 16.94
CA CYS A 13 -5.52 -10.54 15.68
C CYS A 13 -5.11 -9.08 15.46
N MET A 14 -5.06 -8.66 14.19
CA MET A 14 -4.70 -7.28 13.87
C MET A 14 -5.48 -6.64 12.71
N GLY A 15 -6.50 -7.34 12.21
CA GLY A 15 -7.47 -6.74 11.30
C GLY A 15 -7.43 -7.23 9.86
N ARG A 16 -7.85 -6.36 8.94
CA ARG A 16 -7.90 -6.67 7.51
C ARG A 16 -6.67 -6.14 6.77
N GLY A 18 -5.55 -7.20 3.10
CA GLY A 18 -6.49 -6.39 2.33
C GLY A 18 -7.87 -7.01 2.31
N PHE A 19 -8.01 -8.11 1.56
CA PHE A 19 -9.28 -8.82 1.47
C PHE A 19 -9.54 -9.68 2.71
N GLY A 20 -8.51 -10.40 3.18
CA GLY A 20 -8.65 -11.32 4.29
C GLY A 20 -8.27 -10.73 5.64
N VAL A 21 -7.81 -11.60 6.54
CA VAL A 21 -7.47 -11.25 7.91
C VAL A 21 -5.99 -11.53 8.23
N VAL A 22 -5.44 -10.80 9.19
CA VAL A 22 -4.03 -10.95 9.56
C VAL A 22 -3.84 -11.05 11.07
N PHE A 23 -2.99 -11.98 11.50
CA PHE A 23 -2.66 -12.19 12.90
C PHE A 23 -1.19 -11.94 13.14
N GLU A 24 -0.83 -11.54 14.36
CA GLU A 24 0.53 -11.69 14.82
C GLU A 24 0.66 -13.12 15.35
N ALA A 25 1.59 -13.87 14.77
CA ALA A 25 1.83 -15.25 15.18
C ALA A 25 3.31 -15.51 15.41
N LYS A 26 3.60 -16.37 16.38
CA LYS A 26 4.96 -16.74 16.73
C LYS A 26 5.31 -18.09 16.12
N ASN A 27 6.45 -18.17 15.44
CA ASN A 27 6.92 -19.42 14.86
C ASN A 27 7.56 -20.30 15.92
N LYS A 28 7.02 -21.51 16.09
CA LYS A 28 7.43 -22.43 17.16
C LYS A 28 8.90 -22.85 17.11
N VAL A 29 9.47 -22.91 15.90
CA VAL A 29 10.87 -23.37 15.72
C VAL A 29 11.91 -22.24 15.70
N ASP A 30 11.62 -21.14 15.00
CA ASP A 30 12.57 -20.01 14.93
C ASP A 30 12.34 -18.96 16.01
N ASP A 31 11.20 -19.08 16.68
CA ASP A 31 10.91 -18.39 17.94
C ASP A 31 10.84 -16.86 17.87
N CYS A 32 10.36 -16.34 16.75
CA CYS A 32 10.07 -14.91 16.65
C CYS A 32 8.81 -14.67 15.84
N ASN A 33 8.35 -13.42 15.86
CA ASN A 33 7.00 -13.10 15.43
C ASN A 33 6.84 -12.59 14.01
N TYR A 34 5.80 -13.09 13.36
CA TYR A 34 5.52 -12.76 11.97
C TYR A 34 4.08 -12.26 11.82
N ALA A 35 3.76 -11.72 10.65
CA ALA A 35 2.40 -11.34 10.34
C ALA A 35 1.85 -12.33 9.32
N ILE A 36 0.78 -13.03 9.69
CA ILE A 36 0.21 -14.05 8.83
C ILE A 36 -1.10 -13.60 8.20
N LYS A 37 -1.02 -13.16 6.94
CA LYS A 37 -2.20 -12.79 6.17
C LYS A 37 -2.87 -14.07 5.64
N ARG A 38 -4.17 -14.20 5.88
CA ARG A 38 -4.93 -15.35 5.43
C ARG A 38 -6.09 -14.94 4.53
N ILE A 39 -6.14 -15.54 3.35
CA ILE A 39 -7.17 -15.21 2.36
C ILE A 39 -8.03 -16.44 2.09
N ARG A 40 -9.35 -16.27 2.24
CA ARG A 40 -10.31 -17.26 1.79
C ARG A 40 -10.25 -17.22 0.26
N LEU A 41 -9.90 -18.36 -0.33
CA LEU A 41 -9.60 -18.40 -1.76
C LEU A 41 -10.85 -18.55 -2.62
N PRO A 42 -10.94 -17.78 -3.72
CA PRO A 42 -12.05 -17.88 -4.69
C PRO A 42 -12.04 -19.21 -5.45
N ASN A 43 -13.04 -19.42 -6.30
CA ASN A 43 -13.18 -20.64 -7.08
C ASN A 43 -12.85 -20.49 -8.57
N ARG A 44 -12.75 -21.62 -9.27
CA ARG A 44 -12.53 -21.70 -10.73
C ARG A 44 -11.16 -21.23 -11.28
N GLU A 45 -10.15 -21.21 -10.41
CA GLU A 45 -8.74 -21.13 -10.82
C GLU A 45 -8.30 -19.99 -11.77
N LEU A 46 -9.20 -19.04 -12.06
CA LEU A 46 -8.76 -17.83 -12.76
C LEU A 46 -8.73 -16.72 -11.74
N ALA A 47 -9.78 -16.67 -10.91
CA ALA A 47 -9.85 -15.76 -9.79
C ALA A 47 -8.74 -16.08 -8.79
N ARG A 48 -8.46 -17.37 -8.62
CA ARG A 48 -7.36 -17.84 -7.75
C ARG A 48 -5.99 -17.38 -8.25
N GLU A 49 -5.71 -17.64 -9.52
CA GLU A 49 -4.46 -17.24 -10.15
C GLU A 49 -4.20 -15.75 -9.94
N LYS A 50 -5.26 -14.96 -10.01
CA LYS A 50 -5.20 -13.51 -9.79
C LYS A 50 -4.84 -13.19 -8.33
N VAL A 51 -5.37 -13.97 -7.39
CA VAL A 51 -5.04 -13.82 -5.98
C VAL A 51 -3.61 -14.29 -5.73
N MET A 52 -3.17 -15.27 -6.53
CA MET A 52 -1.82 -15.80 -6.44
C MET A 52 -0.74 -14.78 -6.83
N ARG A 53 -1.10 -13.82 -7.68
CA ARG A 53 -0.17 -12.80 -8.17
C ARG A 53 0.64 -12.19 -7.03
N GLU A 54 -0.02 -11.90 -5.92
CA GLU A 54 0.60 -11.29 -4.76
C GLU A 54 1.82 -12.09 -4.26
N VAL A 55 1.67 -13.41 -4.18
CA VAL A 55 2.77 -14.25 -3.68
C VAL A 55 3.87 -14.42 -4.73
N LYS A 56 3.48 -14.43 -6.00
CA LYS A 56 4.44 -14.52 -7.11
C LYS A 56 5.34 -13.30 -7.13
N ALA A 57 4.75 -12.14 -6.81
CA ALA A 57 5.47 -10.88 -6.79
C ALA A 57 6.32 -10.69 -5.54
N LEU A 58 5.74 -11.01 -4.38
CA LEU A 58 6.43 -10.79 -3.11
C LEU A 58 7.67 -11.67 -2.95
N ALA A 59 7.66 -12.80 -3.64
CA ALA A 59 8.77 -13.74 -3.57
C ALA A 59 9.93 -13.33 -4.46
N LYS A 60 9.65 -12.49 -5.46
CA LYS A 60 10.69 -11.99 -6.37
C LYS A 60 10.98 -10.50 -6.16
N LEU A 61 10.49 -9.96 -5.05
CA LEU A 61 10.75 -8.58 -4.70
C LEU A 61 11.63 -8.47 -3.47
N GLU A 62 12.81 -7.88 -3.65
CA GLU A 62 13.69 -7.54 -2.54
C GLU A 62 14.09 -6.08 -2.63
N HIS A 63 13.49 -5.26 -1.76
CA HIS A 63 13.77 -3.84 -1.70
C HIS A 63 13.52 -3.37 -0.27
N PRO A 64 14.38 -2.47 0.25
CA PRO A 64 14.25 -2.01 1.63
C PRO A 64 12.95 -1.25 1.91
N GLY A 65 12.26 -0.84 0.85
CA GLY A 65 10.96 -0.20 0.98
C GLY A 65 9.81 -1.14 0.65
N ILE A 66 10.11 -2.44 0.60
CA ILE A 66 9.10 -3.46 0.31
C ILE A 66 9.08 -4.53 1.41
N VAL A 67 7.89 -4.75 1.95
CA VAL A 67 7.65 -5.74 3.00
C VAL A 67 8.40 -7.05 2.74
N ARG A 68 9.10 -7.53 3.77
CA ARG A 68 9.89 -8.76 3.63
C ARG A 68 8.99 -10.01 3.61
N TYR A 69 9.04 -10.76 2.52
CA TYR A 69 8.28 -11.99 2.38
C TYR A 69 9.07 -13.16 2.95
N PHE A 70 8.36 -14.13 3.53
CA PHE A 70 9.01 -15.33 4.07
C PHE A 70 8.50 -16.63 3.45
N ASN A 71 7.18 -16.82 3.42
CA ASN A 71 6.60 -18.09 3.02
C ASN A 71 5.13 -17.97 2.60
N ALA A 72 4.68 -18.93 1.80
CA ALA A 72 3.26 -19.02 1.42
C ALA A 72 2.86 -20.47 1.25
N TRP A 73 1.73 -20.85 1.84
CA TRP A 73 1.22 -22.20 1.72
C TRP A 73 -0.30 -22.19 1.57
N LEU A 74 -0.86 -23.36 1.27
CA LEU A 74 -2.30 -23.52 1.16
C LEU A 74 -2.81 -24.50 2.20
N GLU A 75 -4.05 -24.29 2.64
CA GLU A 75 -4.69 -25.21 3.58
C GLU A 75 -6.13 -25.47 3.17
N THR A 76 -6.51 -26.75 3.18
CA THR A 76 -7.91 -27.15 2.98
C THR A 76 -8.36 -27.94 4.20
N PRO A 77 -8.80 -27.21 5.26
CA PRO A 77 -9.11 -27.81 6.55
C PRO A 77 -10.58 -28.24 6.72
N PRO A 78 -10.85 -29.14 7.69
CA PRO A 78 -12.22 -29.38 8.12
C PRO A 78 -12.57 -28.58 9.38
N GLU A 79 -13.62 -27.78 9.29
CA GLU A 79 -14.17 -27.01 10.43
C GLU A 79 -13.20 -25.99 11.09
N LYS A 80 -12.56 -25.19 10.24
CA LYS A 80 -11.89 -23.99 10.67
C LYS A 80 -12.94 -23.01 11.18
N TRP A 81 -14.15 -23.13 10.62
CA TRP A 81 -15.29 -22.28 10.98
C TRP A 81 -15.48 -22.21 12.49
N GLN A 82 -15.41 -23.37 13.15
CA GLN A 82 -15.47 -23.44 14.61
C GLN A 82 -14.25 -22.81 15.26
N GLU A 83 -13.09 -22.94 14.61
CA GLU A 83 -11.84 -22.41 15.13
C GLU A 83 -11.74 -20.89 15.00
N GLU A 84 -12.31 -20.34 13.94
CA GLU A 84 -12.25 -18.90 13.64
C GLU A 84 -13.06 -18.06 14.61
N MET A 85 -14.26 -18.53 14.95
CA MET A 85 -15.16 -17.79 15.86
C MET A 85 -14.57 -17.62 17.27
N ASP A 86 -13.64 -18.50 17.62
CA ASP A 86 -12.85 -18.37 18.82
C ASP A 86 -11.90 -17.17 18.70
N GLU A 87 -11.04 -17.22 17.69
CA GLU A 87 -10.02 -16.19 17.46
C GLU A 87 -10.64 -14.81 17.25
N PRO A 132 -13.83 -27.40 -1.16
CA PRO A 132 -14.48 -26.12 -1.39
C PRO A 132 -14.25 -25.13 -0.23
N LYS A 133 -13.04 -25.13 0.32
CA LYS A 133 -12.68 -24.26 1.45
C LYS A 133 -11.17 -24.08 1.51
N VAL A 134 -10.60 -23.50 0.46
CA VAL A 134 -9.16 -23.33 0.35
C VAL A 134 -8.72 -21.99 0.93
N TYR A 135 -7.67 -22.02 1.76
CA TYR A 135 -7.15 -20.81 2.38
C TYR A 135 -5.69 -20.59 2.00
N LEU A 136 -5.38 -19.37 1.60
CA LEU A 136 -4.00 -18.97 1.32
C LEU A 136 -3.38 -18.28 2.52
N TYR A 137 -2.34 -18.89 3.07
CA TYR A 137 -1.60 -18.30 4.17
C TYR A 137 -0.31 -17.72 3.63
N ILE A 138 -0.05 -16.46 3.94
CA ILE A 138 1.16 -15.82 3.49
C ILE A 138 1.85 -15.11 4.66
N GLN A 139 3.10 -15.51 4.92
CA GLN A 139 3.82 -15.14 6.12
C GLN A 139 4.76 -13.95 5.87
N MET A 140 4.50 -12.85 6.57
CA MET A 140 5.22 -11.60 6.38
C MET A 140 6.09 -11.26 7.57
N GLN A 141 6.95 -10.26 7.40
CA GLN A 141 7.69 -9.67 8.51
C GLN A 141 6.73 -8.86 9.38
N LEU A 142 6.89 -8.97 10.70
CA LEU A 142 6.03 -8.24 11.64
C LEU A 142 6.43 -6.79 11.65
N CYS A 143 5.51 -5.95 11.18
CA CYS A 143 5.73 -4.53 11.19
C CYS A 143 5.07 -3.89 12.40
N ARG A 144 5.17 -2.57 12.49
CA ARG A 144 4.50 -1.80 13.52
C ARG A 144 2.98 -1.94 13.35
N LYS A 145 2.27 -1.88 14.47
CA LYS A 145 0.82 -2.07 14.49
C LYS A 145 0.08 -0.96 13.74
N GLU A 146 0.47 0.29 13.96
CA GLU A 146 -0.20 1.39 13.30
C GLU A 146 0.52 1.80 12.01
N ASN A 147 -0.24 1.82 10.91
CA ASN A 147 0.29 2.13 9.58
C ASN A 147 0.37 3.63 9.35
N LEU A 148 0.52 4.04 8.08
CA LEU A 148 0.63 5.46 7.77
C LEU A 148 -0.67 6.22 8.01
N LYS A 149 -1.80 5.57 7.72
CA LYS A 149 -3.11 6.16 7.99
C LYS A 149 -3.30 6.49 9.48
N ASP A 150 -2.88 5.57 10.35
CA ASP A 150 -2.93 5.77 11.80
C ASP A 150 -1.93 6.84 12.24
N TRP A 151 -0.75 6.82 11.63
CA TRP A 151 0.30 7.80 11.88
C TRP A 151 -0.18 9.21 11.58
N MET A 152 -1.00 9.35 10.54
CA MET A 152 -1.51 10.66 10.13
C MET A 152 -2.63 11.14 11.03
N ASN A 153 -3.51 10.22 11.45
CA ASN A 153 -4.59 10.52 12.38
C ASN A 153 -4.08 11.02 13.72
N ARG A 154 -2.93 10.50 14.14
CA ARG A 154 -2.26 10.95 15.35
C ARG A 154 -1.60 12.32 15.19
N ARG A 155 -1.54 12.82 13.95
CA ARG A 155 -0.92 14.12 13.66
C ARG A 155 -1.88 15.03 12.88
N CYS A 156 -2.83 15.65 13.56
CA CYS A 156 -3.89 16.42 12.88
C CYS A 156 -3.61 17.91 12.66
N SER A 157 -2.54 18.43 13.26
CA SER A 157 -2.15 19.82 13.05
C SER A 157 -0.78 19.91 12.36
N LEU A 158 -0.57 21.03 11.65
CA LEU A 158 0.67 21.25 10.88
C LEU A 158 1.94 20.96 11.65
N GLU A 159 2.06 21.56 12.85
CA GLU A 159 3.29 21.50 13.64
C GLU A 159 3.76 20.08 13.98
N ASP A 160 2.86 19.10 13.88
CA ASP A 160 3.21 17.68 14.07
C ASP A 160 3.92 17.12 12.83
N ARG A 161 3.46 17.54 11.66
CA ARG A 161 3.92 17.00 10.38
C ARG A 161 5.16 17.74 9.85
N GLU A 162 6.31 17.48 10.47
CA GLU A 162 7.59 18.06 10.05
C GLU A 162 7.82 17.90 8.56
N HIS A 163 8.19 18.99 7.89
CA HIS A 163 8.44 18.99 6.44
C HIS A 163 9.51 17.96 6.04
N GLY A 164 10.57 17.89 6.83
CA GLY A 164 11.66 16.95 6.59
C GLY A 164 11.22 15.50 6.67
N VAL A 165 10.46 15.18 7.71
CA VAL A 165 9.96 13.82 7.93
C VAL A 165 8.97 13.42 6.83
N CYS A 166 8.06 14.33 6.50
CA CYS A 166 7.04 14.07 5.48
C CYS A 166 7.63 13.68 4.13
N LEU A 167 8.70 14.35 3.73
CA LEU A 167 9.41 14.06 2.48
C LEU A 167 10.18 12.75 2.58
N HIS A 168 10.91 12.58 3.68
CA HIS A 168 11.67 11.37 3.95
C HIS A 168 10.83 10.10 3.82
N ILE A 169 9.61 10.12 4.37
CA ILE A 169 8.75 8.94 4.27
C ILE A 169 8.05 8.86 2.92
N PHE A 170 7.91 9.99 2.24
CA PHE A 170 7.41 9.95 0.88
C PHE A 170 8.41 9.30 -0.05
N ILE A 171 9.66 9.80 -0.03
CA ILE A 171 10.69 9.34 -0.96
C ILE A 171 10.85 7.83 -0.93
N GLN A 172 10.83 7.27 0.27
CA GLN A 172 10.93 5.82 0.42
C GLN A 172 9.82 5.12 -0.32
N ILE A 173 8.60 5.66 -0.25
CA ILE A 173 7.48 5.09 -1.03
C ILE A 173 7.77 5.24 -2.52
N ALA A 174 8.19 6.43 -2.92
CA ALA A 174 8.54 6.70 -4.32
C ALA A 174 9.60 5.72 -4.83
N GLU A 175 10.70 5.61 -4.10
CA GLU A 175 11.76 4.65 -4.41
C GLU A 175 11.22 3.22 -4.57
N ALA A 176 10.35 2.83 -3.64
CA ALA A 176 9.74 1.51 -3.67
C ALA A 176 8.91 1.35 -4.93
N VAL A 177 8.18 2.40 -5.29
CA VAL A 177 7.34 2.37 -6.49
C VAL A 177 8.22 2.32 -7.74
N GLU A 178 9.33 3.05 -7.70
CA GLU A 178 10.31 3.06 -8.77
C GLU A 178 10.86 1.66 -9.05
N PHE A 179 11.22 0.95 -7.98
CA PHE A 179 11.67 -0.43 -8.08
C PHE A 179 10.56 -1.29 -8.64
N LEU A 180 9.39 -1.19 -8.00
CA LEU A 180 8.23 -1.98 -8.39
C LEU A 180 7.94 -1.81 -9.89
N HIS A 181 8.08 -0.59 -10.37
CA HIS A 181 7.87 -0.29 -11.78
C HIS A 181 8.99 -0.84 -12.66
N SER A 182 10.22 -0.75 -12.17
CA SER A 182 11.40 -1.20 -12.91
C SER A 182 11.34 -2.68 -13.24
N LYS A 183 10.70 -3.46 -12.39
CA LYS A 183 10.53 -4.88 -12.61
C LYS A 183 9.19 -5.19 -13.29
N GLY A 184 8.61 -4.16 -13.91
CA GLY A 184 7.40 -4.29 -14.72
C GLY A 184 6.16 -4.71 -13.97
N LEU A 185 5.87 -4.01 -12.87
CA LEU A 185 4.70 -4.32 -12.06
C LEU A 185 3.95 -3.06 -11.64
N MET A 186 2.66 -3.23 -11.34
CA MET A 186 1.80 -2.13 -10.89
C MET A 186 1.19 -2.48 -9.53
N HIS A 187 1.20 -1.51 -8.61
CA HIS A 187 0.55 -1.72 -7.32
C HIS A 187 -0.96 -1.57 -7.42
N ARG A 188 -1.40 -0.53 -8.15
CA ARG A 188 -2.83 -0.17 -8.35
C ARG A 188 -3.71 -0.18 -7.09
N ASP A 189 -3.09 0.13 -5.97
CA ASP A 189 -3.74 0.27 -4.68
C ASP A 189 -2.61 0.89 -3.88
N LEU A 190 -2.66 2.20 -3.73
CA LEU A 190 -1.64 2.90 -2.99
C LEU A 190 -2.35 3.95 -2.19
N LYS A 191 -2.27 3.78 -0.89
CA LYS A 191 -2.96 4.61 0.07
C LYS A 191 -2.23 4.41 1.38
N PRO A 192 -2.28 5.41 2.27
CA PRO A 192 -1.56 5.37 3.54
C PRO A 192 -1.78 4.09 4.34
N SER A 193 -2.95 3.47 4.24
CA SER A 193 -3.24 2.26 5.01
C SER A 193 -2.56 1.00 4.44
N ASN A 194 -1.87 1.15 3.32
CA ASN A 194 -1.05 0.08 2.75
C ASN A 194 0.45 0.36 2.87
N ILE A 195 0.78 1.48 3.50
CA ILE A 195 2.16 1.80 3.81
C ILE A 195 2.38 1.54 5.30
N PHE A 196 3.44 0.84 5.62
CA PHE A 196 3.71 0.40 6.98
C PHE A 196 5.08 0.88 7.45
N PHE A 197 5.38 0.65 8.73
CA PHE A 197 6.68 0.98 9.31
C PHE A 197 7.25 -0.27 9.99
N THR A 198 8.55 -0.47 9.89
CA THR A 198 9.21 -1.57 10.62
C THR A 198 9.52 -1.14 12.05
N MET A 199 10.11 -2.05 12.82
CA MET A 199 10.55 -1.74 14.18
C MET A 199 11.71 -0.76 14.15
N ASP A 200 12.51 -0.82 13.09
CA ASP A 200 13.58 0.14 12.87
C ASP A 200 13.08 1.44 12.26
N ASP A 201 11.76 1.59 12.16
CA ASP A 201 11.15 2.83 11.65
C ASP A 201 11.38 2.99 10.14
N VAL A 202 11.47 1.87 9.43
CA VAL A 202 11.70 1.89 7.98
C VAL A 202 10.39 1.69 7.23
N VAL A 203 10.00 2.68 6.45
CA VAL A 203 8.72 2.61 5.72
C VAL A 203 8.75 1.58 4.61
N LYS A 204 7.69 0.77 4.59
CA LYS A 204 7.54 -0.30 3.61
C LYS A 204 6.11 -0.34 3.11
N VAL A 205 5.94 -0.34 1.79
CA VAL A 205 4.63 -0.53 1.19
C VAL A 205 4.36 -2.03 1.15
N GLY A 206 3.20 -2.45 1.63
CA GLY A 206 3.00 -3.89 1.87
C GLY A 206 1.63 -4.54 1.78
N ASP A 207 0.89 -4.25 0.72
CA ASP A 207 -0.33 -4.99 0.42
C ASP A 207 -0.49 -5.15 -1.08
N PHE A 208 0.14 -6.17 -1.62
CA PHE A 208 0.21 -6.36 -3.06
C PHE A 208 -0.91 -7.26 -3.58
N GLY A 209 -2.07 -7.20 -2.90
CA GLY A 209 -3.23 -8.02 -3.24
C GLY A 209 -3.81 -7.69 -4.61
N LEU A 210 -3.38 -6.58 -5.17
CA LEU A 210 -3.84 -6.15 -6.49
C LEU A 210 -2.67 -5.89 -7.46
N VAL A 211 -1.50 -6.44 -7.14
CA VAL A 211 -0.34 -6.30 -8.01
C VAL A 211 -0.55 -7.04 -9.33
N THR A 212 -0.12 -6.42 -10.43
CA THR A 212 -0.12 -7.06 -11.75
C THR A 212 0.97 -6.51 -12.66
N ALA A 213 1.19 -7.16 -13.80
CA ALA A 213 2.27 -6.79 -14.72
C ALA A 213 1.80 -5.85 -15.83
N MET A 214 2.77 -5.36 -16.61
CA MET A 214 2.50 -4.41 -17.69
C MET A 214 3.00 -4.97 -19.03
N ASP A 215 3.05 -4.11 -20.06
CA ASP A 215 3.60 -4.44 -21.38
C ASP A 215 4.00 -3.21 -22.19
N GLN A 216 5.32 -3.04 -22.38
CA GLN A 216 5.93 -1.88 -23.08
C GLN A 216 5.57 -0.48 -22.55
N ASP A 217 5.00 -0.44 -21.35
CA ASP A 217 4.66 0.82 -20.68
C ASP A 217 5.92 1.52 -20.15
N THR A 232 -5.99 -5.44 -22.49
CA THR A 232 -6.73 -4.61 -21.54
C THR A 232 -6.75 -5.22 -20.12
N HIS A 233 -6.52 -4.36 -19.12
CA HIS A 233 -6.53 -4.76 -17.71
C HIS A 233 -7.94 -4.70 -17.11
N GLY A 235 -11.01 -3.14 -14.83
CA GLY A 235 -11.52 -1.79 -14.58
C GLY A 235 -11.72 -1.41 -13.13
N GLN A 236 -12.83 -1.87 -12.54
CA GLN A 236 -13.13 -1.65 -11.12
C GLN A 236 -12.11 -2.43 -10.29
N VAL A 237 -11.15 -1.71 -9.70
CA VAL A 237 -10.02 -2.33 -8.99
C VAL A 237 -9.64 -1.62 -7.68
N THR A 239 -10.98 1.22 -4.03
CA THR A 239 -10.12 1.94 -3.09
C THR A 239 -10.54 3.41 -2.87
N LYS A 240 -11.75 3.75 -3.32
CA LYS A 240 -12.36 5.09 -3.16
C LYS A 240 -11.47 6.23 -3.70
N LEU A 241 -11.04 7.12 -2.78
CA LEU A 241 -10.38 8.37 -3.14
C LEU A 241 -9.15 8.26 -4.05
N TYR A 242 -8.33 7.25 -3.81
CA TYR A 242 -7.00 7.16 -4.41
C TYR A 242 -6.95 6.59 -5.83
N MET A 243 -8.10 6.08 -6.29
CA MET A 243 -8.18 5.49 -7.62
C MET A 243 -8.13 6.56 -8.72
N SER A 244 -7.26 6.35 -9.70
CA SER A 244 -7.04 7.28 -10.81
C SER A 244 -8.27 7.39 -11.73
N PRO A 245 -8.44 8.56 -12.39
CA PRO A 245 -9.59 8.81 -13.27
C PRO A 245 -9.77 7.78 -14.37
N GLU A 246 -8.66 7.24 -14.90
CA GLU A 246 -8.72 6.21 -15.94
C GLU A 246 -9.58 5.04 -15.49
N GLN A 247 -9.26 4.49 -14.32
CA GLN A 247 -9.99 3.37 -13.74
C GLN A 247 -11.44 3.73 -13.41
N ILE A 248 -11.63 4.97 -12.93
CA ILE A 248 -12.94 5.48 -12.49
C ILE A 248 -14.01 5.36 -13.58
N HIS A 249 -13.73 5.92 -14.75
CA HIS A 249 -14.69 5.93 -15.86
C HIS A 249 -14.65 4.63 -16.68
N GLY A 250 -13.60 3.83 -16.47
CA GLY A 250 -13.42 2.57 -17.18
C GLY A 250 -12.66 2.77 -18.47
N ASN A 251 -11.33 2.63 -18.41
CA ASN A 251 -10.47 2.88 -19.55
C ASN A 251 -9.20 2.05 -19.54
N ASN A 252 -8.40 2.18 -20.60
CA ASN A 252 -7.07 1.60 -20.67
C ASN A 252 -6.08 2.43 -19.87
N TYR A 253 -5.38 1.78 -18.95
CA TYR A 253 -4.49 2.47 -18.01
C TYR A 253 -3.12 1.82 -17.88
N SER A 254 -2.21 2.52 -17.20
CA SER A 254 -0.83 2.07 -17.05
C SER A 254 -0.34 2.23 -15.61
N HIS A 255 0.95 1.99 -15.42
CA HIS A 255 1.63 2.19 -14.14
C HIS A 255 1.48 3.61 -13.64
N LYS A 256 1.16 4.52 -14.56
CA LYS A 256 0.96 5.93 -14.24
C LYS A 256 -0.13 6.16 -13.21
N VAL A 257 -1.00 5.16 -13.04
CA VAL A 257 -2.02 5.14 -11.98
C VAL A 257 -1.36 5.23 -10.59
N ASP A 258 -0.23 4.56 -10.43
CA ASP A 258 0.53 4.59 -9.18
C ASP A 258 1.08 5.98 -8.86
N ILE A 259 1.42 6.74 -9.90
CA ILE A 259 1.90 8.11 -9.72
C ILE A 259 0.76 9.03 -9.26
N PHE A 260 -0.45 8.77 -9.75
CA PHE A 260 -1.61 9.54 -9.34
C PHE A 260 -1.79 9.45 -7.83
N SER A 261 -2.09 8.25 -7.34
CA SER A 261 -2.22 8.01 -5.90
C SER A 261 -0.99 8.48 -5.11
N LEU A 262 0.20 8.30 -5.69
CA LEU A 262 1.43 8.81 -5.06
C LEU A 262 1.34 10.30 -4.79
N GLY A 263 0.71 11.03 -5.72
CA GLY A 263 0.52 12.47 -5.58
C GLY A 263 -0.40 12.80 -4.42
N LEU A 264 -1.54 12.12 -4.38
CA LEU A 264 -2.52 12.31 -3.32
C LEU A 264 -1.92 12.11 -1.92
N ILE A 265 -1.08 11.08 -1.79
CA ILE A 265 -0.38 10.79 -0.55
C ILE A 265 0.50 11.96 -0.13
N LEU A 266 1.24 12.53 -1.08
CA LEU A 266 2.13 13.65 -0.80
C LEU A 266 1.36 14.87 -0.29
N PHE A 267 0.17 15.09 -0.84
CA PHE A 267 -0.71 16.12 -0.30
C PHE A 267 -1.11 15.77 1.12
N GLU A 268 -1.63 14.56 1.30
CA GLU A 268 -2.02 14.05 2.61
C GLU A 268 -0.90 14.16 3.63
N LEU A 269 0.32 13.82 3.24
CA LEU A 269 1.46 13.89 4.14
C LEU A 269 1.70 15.31 4.62
N LEU A 270 1.54 16.27 3.73
CA LEU A 270 1.88 17.66 4.02
C LEU A 270 0.69 18.45 4.53
N TYR A 271 -0.52 18.06 4.15
CA TYR A 271 -1.73 18.73 4.62
C TYR A 271 -2.48 17.87 5.62
N SER A 272 -2.49 18.31 6.87
CA SER A 272 -3.07 17.55 7.98
C SER A 272 -4.59 17.66 8.01
N PHE A 273 -5.28 16.52 7.99
CA PHE A 273 -6.74 16.48 8.07
C PHE A 273 -7.26 16.34 9.49
N SER A 274 -8.45 16.88 9.74
CA SER A 274 -9.09 16.85 11.06
C SER A 274 -10.24 15.84 11.16
N THR A 275 -11.08 15.80 10.14
CA THR A 275 -12.20 14.86 10.11
C THR A 275 -12.30 14.13 8.78
N GLN A 276 -12.83 12.91 8.82
CA GLN A 276 -13.06 12.13 7.60
C GLN A 276 -13.93 12.90 6.61
N MET A 277 -14.88 13.68 7.12
CA MET A 277 -15.74 14.50 6.27
C MET A 277 -14.96 15.61 5.59
N GLU A 278 -14.06 16.25 6.34
CA GLU A 278 -13.13 17.23 5.79
C GLU A 278 -12.18 16.56 4.80
N ARG A 279 -11.60 15.45 5.23
CA ARG A 279 -10.63 14.70 4.44
C ARG A 279 -11.18 14.41 3.05
N VAL A 280 -12.38 13.82 2.99
CA VAL A 280 -13.03 13.50 1.73
C VAL A 280 -13.24 14.78 0.91
N ARG A 281 -13.72 15.83 1.58
CA ARG A 281 -14.04 17.09 0.91
C ARG A 281 -12.82 17.64 0.16
N ILE A 282 -11.70 17.79 0.87
CA ILE A 282 -10.50 18.38 0.28
C ILE A 282 -9.84 17.46 -0.75
N ILE A 283 -9.75 16.17 -0.43
CA ILE A 283 -9.15 15.20 -1.34
C ILE A 283 -9.88 15.15 -2.69
N THR A 284 -11.22 15.24 -2.66
CA THR A 284 -12.02 15.28 -3.89
C THR A 284 -11.65 16.49 -4.75
N ASP A 285 -11.48 17.64 -4.10
CA ASP A 285 -11.12 18.88 -4.80
C ASP A 285 -9.67 18.89 -5.30
N VAL A 286 -8.77 18.28 -4.52
CA VAL A 286 -7.36 18.16 -4.91
C VAL A 286 -7.21 17.28 -6.15
N ARG A 287 -8.07 16.26 -6.27
CA ARG A 287 -8.15 15.45 -7.48
C ARG A 287 -8.51 16.32 -8.69
N ASN A 288 -9.45 17.24 -8.49
CA ASN A 288 -9.84 18.22 -9.52
C ASN A 288 -8.89 19.42 -9.60
N LEU A 289 -7.77 19.32 -8.89
CA LEU A 289 -6.71 20.34 -8.89
C LEU A 289 -7.06 21.65 -8.15
N LYS A 290 -8.04 21.58 -7.25
CA LYS A 290 -8.33 22.68 -6.35
C LYS A 290 -7.57 22.49 -5.03
N PHE A 291 -6.73 23.46 -4.69
CA PHE A 291 -5.80 23.32 -3.56
C PHE A 291 -6.01 24.38 -2.48
N PRO A 292 -6.06 23.96 -1.21
CA PRO A 292 -6.13 24.89 -0.09
C PRO A 292 -5.02 25.92 -0.16
N LEU A 293 -5.37 27.18 0.12
CA LEU A 293 -4.42 28.29 0.08
C LEU A 293 -3.21 28.06 0.98
N LEU A 294 -3.44 27.43 2.13
CA LEU A 294 -2.36 27.11 3.06
C LEU A 294 -1.34 26.13 2.45
N PHE A 295 -1.82 25.27 1.54
CA PHE A 295 -0.93 24.35 0.85
C PHE A 295 -0.21 25.01 -0.33
N THR A 296 -0.97 25.72 -1.15
CA THR A 296 -0.42 26.43 -2.32
C THR A 296 0.70 27.37 -1.89
N GLN A 297 0.56 28.00 -0.74
CA GLN A 297 1.55 28.97 -0.26
C GLN A 297 2.91 28.44 0.23
N LYS A 298 2.90 27.58 1.25
CA LYS A 298 4.09 27.26 2.05
C LYS A 298 4.78 26.03 1.41
N TYR A 299 4.08 25.43 0.41
CA TYR A 299 4.67 24.32 -0.36
C TYR A 299 4.44 24.50 -1.86
N PRO A 300 5.04 25.54 -2.46
CA PRO A 300 4.78 25.80 -3.88
C PRO A 300 5.38 24.74 -4.79
N GLN A 301 6.64 24.35 -4.55
CA GLN A 301 7.31 23.36 -5.39
C GLN A 301 6.60 22.02 -5.34
N GLU A 302 6.27 21.58 -4.12
CA GLU A 302 5.52 20.36 -3.88
C GLU A 302 4.17 20.44 -4.58
N HIS A 303 3.59 21.64 -4.55
CA HIS A 303 2.33 21.93 -5.24
C HIS A 303 2.47 21.79 -6.76
N MET A 304 3.63 22.18 -7.29
CA MET A 304 3.93 22.01 -8.72
C MET A 304 4.05 20.51 -9.01
N MET A 305 4.80 19.83 -8.16
CA MET A 305 5.04 18.40 -8.32
C MET A 305 3.73 17.59 -8.30
N VAL A 306 2.90 17.86 -7.31
CA VAL A 306 1.66 17.11 -7.11
C VAL A 306 0.70 17.26 -8.29
N GLN A 307 0.54 18.47 -8.78
CA GLN A 307 -0.39 18.73 -9.89
C GLN A 307 0.05 18.03 -11.17
N ASP A 308 1.37 17.95 -11.39
CA ASP A 308 1.93 17.15 -12.47
C ASP A 308 1.54 15.70 -12.29
N MET A 309 1.72 15.20 -11.08
CA MET A 309 1.37 13.81 -10.74
C MET A 309 -0.13 13.54 -10.87
N LEU A 310 -0.92 14.61 -10.84
CA LEU A 310 -2.37 14.50 -10.81
C LEU A 310 -3.09 14.81 -12.13
N SER A 311 -2.32 15.17 -13.15
CA SER A 311 -2.90 15.48 -14.46
C SER A 311 -3.72 14.31 -15.00
N PRO A 312 -4.86 14.59 -15.63
CA PRO A 312 -5.72 13.54 -16.21
C PRO A 312 -5.09 12.79 -17.39
N SER A 313 -4.04 13.36 -17.98
CA SER A 313 -3.31 12.69 -19.05
C SER A 313 -2.11 11.90 -18.49
N PRO A 314 -2.19 10.56 -18.54
CA PRO A 314 -1.19 9.64 -17.97
C PRO A 314 0.26 9.95 -18.38
N THR A 315 0.48 10.26 -19.66
CA THR A 315 1.83 10.55 -20.18
C THR A 315 2.43 11.86 -19.64
N GLU A 316 1.57 12.77 -19.21
CA GLU A 316 2.03 14.03 -18.61
C GLU A 316 2.50 13.86 -17.16
N ARG A 317 1.95 12.87 -16.48
CA ARG A 317 2.42 12.52 -15.13
C ARG A 317 3.84 11.99 -15.21
N PRO A 318 4.75 12.54 -14.38
CA PRO A 318 6.15 12.12 -14.37
C PRO A 318 6.34 10.63 -14.09
N GLU A 319 7.53 10.12 -14.40
CA GLU A 319 7.92 8.77 -14.04
C GLU A 319 8.37 8.79 -12.59
N ALA A 320 8.37 7.62 -11.96
CA ALA A 320 8.77 7.51 -10.56
C ALA A 320 10.15 8.11 -10.34
N THR A 321 11.09 7.77 -11.23
CA THR A 321 12.49 8.19 -11.10
C THR A 321 12.63 9.71 -11.26
N ASP A 322 11.75 10.30 -12.07
CA ASP A 322 11.70 11.75 -12.25
C ASP A 322 11.40 12.44 -10.92
N ILE A 323 10.36 11.96 -10.24
CA ILE A 323 9.91 12.51 -8.95
C ILE A 323 11.01 12.47 -7.89
N ILE A 324 11.70 11.34 -7.81
CA ILE A 324 12.82 11.17 -6.87
C ILE A 324 13.97 12.12 -7.18
N GLU A 325 14.20 12.36 -8.47
CA GLU A 325 15.30 13.22 -8.92
C GLU A 325 15.08 14.71 -8.67
N ASN A 326 13.85 15.07 -8.31
CA ASN A 326 13.48 16.45 -8.01
C ASN A 326 14.36 17.09 -6.93
N ALA A 327 14.59 18.40 -7.08
CA ALA A 327 15.47 19.15 -6.18
C ALA A 327 15.00 19.08 -4.73
N ILE A 328 13.68 19.12 -4.55
CA ILE A 328 13.03 19.06 -3.24
C ILE A 328 13.67 18.08 -2.26
N PHE A 329 14.13 16.95 -2.77
CA PHE A 329 14.76 15.93 -1.94
C PHE A 329 16.24 16.28 -1.71
N GLU A 330 16.57 16.45 -0.43
CA GLU A 330 17.80 17.11 0.00
C GLU A 330 18.83 16.16 0.66
N ASN A 331 18.71 15.98 1.97
CA ASN A 331 19.72 15.33 2.80
C ASN A 331 19.17 15.10 4.21
N LEU A 332 19.66 14.06 4.89
CA LEU A 332 19.25 13.76 6.28
C LEU A 332 19.84 14.76 7.26
#